data_4C8D
#
_entry.id   4C8D
#
_cell.length_a   83.340
_cell.length_b   85.610
_cell.length_c   117.130
_cell.angle_alpha   90.00
_cell.angle_beta   90.00
_cell.angle_gamma   90.00
#
_symmetry.space_group_name_H-M   'I 2 2 2'
#
loop_
_entity.id
_entity.type
_entity.pdbx_description
1 polymer 'LYSINE-SPECIFIC DEMETHYLASE 3B'
2 non-polymer 'MANGANESE (II) ION'
3 non-polymer N-OXALYLGLYCINE
4 non-polymer GLYCEROL
5 non-polymer 'ACETATE ION'
6 non-polymer 'CHLORIDE ION'
7 water water
#
_entity_poly.entity_id   1
_entity_poly.type   'polypeptide(L)'
_entity_poly.pdbx_seq_one_letter_code
;MTSHSWLCDGRLLCLHDPSNKNNWKIFRECWKQGQPVLVSGVHKKLKSELWKPEAFSQEFGDQDVDLVNCRNCAIISDVK
VRDFWDGFEIICKRLRSEDGQPMVLKLKDWPPGEDFRDMMPTRFEDLMENLPLPEYTKRDGRLNLASRLPSYFVRPDLGP
KMYNAYGLITAEDRRVGTTNLHLDVSDAVNVMVYVGIPIGEGAHDEEVLKTIDEGDADEVTKQRIHDGKEKPGALWHIYA
AKDAEKIRELLRKVGEEQGQENPPDHDPIHDQSWYLDQTLRKRLYEEYGVQGWAIVQFLGDAVFIPAGAPHQVHNLYSCI
KVAEDFVSPEHVKHCFRLTQEFAGNLYFQ
;
_entity_poly.pdbx_strand_id   A
#
loop_
_chem_comp.id
_chem_comp.type
_chem_comp.name
_chem_comp.formula
ACT non-polymer 'ACETATE ION' 'C2 H3 O2 -1'
CL non-polymer 'CHLORIDE ION' 'Cl -1'
GOL non-polymer GLYCEROL 'C3 H8 O3'
MN non-polymer 'MANGANESE (II) ION' 'Mn 2'
OGA non-polymer N-OXALYLGLYCINE 'C4 H5 N O5'
#
# COMPACT_ATOMS: atom_id res chain seq x y z
N THR A 2 18.01 11.33 16.74
CA THR A 2 17.19 10.30 16.02
C THR A 2 17.37 10.44 14.52
N SER A 3 17.92 9.41 13.88
CA SER A 3 18.15 9.40 12.45
C SER A 3 16.84 9.48 11.64
N HIS A 4 16.76 10.53 10.83
CA HIS A 4 15.62 10.72 9.96
C HIS A 4 16.00 11.72 8.88
N SER A 5 15.15 11.82 7.87
CA SER A 5 15.27 12.84 6.84
C SER A 5 13.88 13.10 6.30
N TRP A 6 13.79 13.98 5.30
CA TRP A 6 12.50 14.35 4.71
C TRP A 6 12.45 14.06 3.21
N LEU A 7 11.31 13.56 2.77
CA LEU A 7 11.08 13.26 1.37
C LEU A 7 9.95 14.19 0.91
N CYS A 8 9.52 14.03 -0.35
CA CYS A 8 8.43 14.84 -0.92
C CYS A 8 8.67 16.34 -0.75
N ASP A 9 9.91 16.75 -1.04
CA ASP A 9 10.31 18.17 -0.94
C ASP A 9 10.05 18.75 0.43
N GLY A 10 10.48 18.02 1.46
CA GLY A 10 10.36 18.44 2.86
C GLY A 10 9.04 18.19 3.57
N ARG A 11 8.10 17.51 2.91
CA ARG A 11 6.74 17.37 3.44
C ARG A 11 6.42 15.97 3.99
N LEU A 12 7.35 15.03 3.85
CA LEU A 12 7.17 13.68 4.39
C LEU A 12 8.36 13.28 5.25
N LEU A 13 8.07 12.99 6.52
CA LEU A 13 9.06 12.45 7.44
C LEU A 13 9.45 11.04 7.04
N CYS A 14 10.76 10.80 7.03
CA CYS A 14 11.27 9.48 6.86
C CYS A 14 12.17 9.10 8.04
N LEU A 15 11.68 8.19 8.88
CA LEU A 15 12.45 7.69 9.99
C LEU A 15 13.34 6.51 9.54
N HIS A 16 14.62 6.54 9.93
CA HIS A 16 15.59 5.56 9.43
C HIS A 16 15.90 4.38 10.34
N ASP A 17 15.51 4.46 11.61
CA ASP A 17 15.78 3.39 12.56
C ASP A 17 14.46 2.91 13.23
N PRO A 18 13.84 1.84 12.71
CA PRO A 18 12.50 1.38 13.19
C PRO A 18 12.37 0.98 14.67
N SER A 19 13.49 0.75 15.35
CA SER A 19 13.44 0.34 16.74
C SER A 19 13.96 1.44 17.66
N ASN A 20 14.10 2.66 17.16
CA ASN A 20 14.48 3.78 18.00
C ASN A 20 13.30 4.24 18.85
N LYS A 21 13.51 4.19 20.16
CA LYS A 21 12.49 4.47 21.17
C LYS A 21 12.01 5.90 21.13
N ASN A 22 12.85 6.81 20.67
CA ASN A 22 12.45 8.21 20.58
C ASN A 22 11.70 8.59 19.32
N ASN A 23 11.51 7.64 18.40
CA ASN A 23 10.76 7.89 17.18
C ASN A 23 9.42 8.62 17.36
N TRP A 24 8.67 8.25 18.40
CA TRP A 24 7.32 8.82 18.59
C TRP A 24 7.29 10.36 18.66
N LYS A 25 8.36 10.95 19.17
CA LYS A 25 8.40 12.40 19.39
C LYS A 25 8.27 13.17 18.08
N ILE A 26 9.02 12.70 17.08
CA ILE A 26 9.07 13.28 15.76
C ILE A 26 7.82 12.85 15.00
N PHE A 27 7.49 11.56 15.13
CA PHE A 27 6.32 10.99 14.46
C PHE A 27 5.04 11.71 14.82
N ARG A 28 4.82 11.87 16.12
CA ARG A 28 3.59 12.44 16.63
C ARG A 28 3.29 13.84 16.10
N GLU A 29 4.32 14.68 15.96
CA GLU A 29 4.14 16.04 15.42
C GLU A 29 3.65 16.03 13.99
N CYS A 30 4.12 15.08 13.19
CA CYS A 30 3.62 14.96 11.81
C CYS A 30 2.23 14.34 11.83
N TRP A 31 2.10 13.30 12.64
CA TRP A 31 0.90 12.49 12.70
C TRP A 31 -0.30 13.28 13.18
N LYS A 32 -0.09 14.14 14.17
CA LYS A 32 -1.23 14.91 14.70
C LYS A 32 -1.73 15.93 13.66
N GLN A 33 -0.85 16.36 12.76
CA GLN A 33 -1.25 17.21 11.63
C GLN A 33 -1.84 16.42 10.47
N GLY A 34 -2.02 15.11 10.63
CA GLY A 34 -2.65 14.28 9.59
C GLY A 34 -1.75 13.88 8.44
N GLN A 35 -0.44 13.98 8.62
CA GLN A 35 0.51 13.57 7.60
C GLN A 35 0.80 12.06 7.69
N PRO A 36 0.94 11.38 6.54
CA PRO A 36 1.54 10.05 6.57
C PRO A 36 3.01 10.14 6.95
N VAL A 37 3.57 9.01 7.35
CA VAL A 37 4.97 8.95 7.78
C VAL A 37 5.55 7.68 7.21
N LEU A 38 6.82 7.74 6.85
CA LEU A 38 7.51 6.60 6.33
C LEU A 38 8.62 6.23 7.29
N VAL A 39 8.77 4.91 7.50
CA VAL A 39 9.86 4.34 8.30
C VAL A 39 10.58 3.29 7.44
N SER A 40 11.85 3.52 7.18
CA SER A 40 12.60 2.59 6.34
C SER A 40 13.39 1.61 7.21
N GLY A 41 13.85 0.51 6.61
CA GLY A 41 14.75 -0.42 7.28
C GLY A 41 14.10 -1.59 8.03
N VAL A 42 12.78 -1.75 7.88
CA VAL A 42 12.02 -2.76 8.64
C VAL A 42 12.36 -4.20 8.21
N HIS A 43 12.67 -4.38 6.94
CA HIS A 43 13.13 -5.67 6.41
C HIS A 43 14.37 -6.20 7.11
N LYS A 44 15.26 -5.31 7.55
CA LYS A 44 16.49 -5.74 8.22
C LYS A 44 16.21 -6.35 9.60
N LYS A 45 14.99 -6.20 10.10
CA LYS A 45 14.60 -6.73 11.41
C LYS A 45 13.90 -8.09 11.31
N LEU A 46 13.31 -8.37 10.15
CA LEU A 46 12.51 -9.57 9.96
C LEU A 46 13.35 -10.81 9.68
N LYS A 47 12.71 -11.96 9.83
CA LYS A 47 13.27 -13.21 9.34
C LYS A 47 12.95 -13.40 7.86
N SER A 48 13.93 -13.12 7.01
CA SER A 48 13.75 -13.11 5.55
C SER A 48 13.07 -14.35 5.02
N GLU A 49 13.56 -15.49 5.47
CA GLU A 49 13.10 -16.79 5.01
C GLU A 49 11.60 -16.96 5.20
N LEU A 50 10.98 -16.20 6.10
CA LEU A 50 9.53 -16.34 6.28
C LEU A 50 8.74 -15.58 5.23
N TRP A 51 9.37 -14.63 4.56
CA TRP A 51 8.62 -13.72 3.70
C TRP A 51 9.04 -13.89 2.24
N LYS A 52 9.26 -15.14 1.85
CA LYS A 52 9.59 -15.51 0.48
C LYS A 52 8.34 -16.03 -0.24
N PRO A 53 8.17 -15.69 -1.52
CA PRO A 53 7.02 -16.27 -2.25
C PRO A 53 7.09 -17.80 -2.37
N GLU A 54 8.30 -18.34 -2.49
CA GLU A 54 8.50 -19.79 -2.53
C GLU A 54 7.98 -20.46 -1.27
N ALA A 55 8.20 -19.82 -0.12
CA ALA A 55 7.78 -20.40 1.15
C ALA A 55 6.27 -20.38 1.24
N PHE A 56 5.64 -19.30 0.79
CA PHE A 56 4.19 -19.22 0.79
C PHE A 56 3.61 -20.29 -0.14
N SER A 57 4.25 -20.51 -1.28
CA SER A 57 3.77 -21.55 -2.19
C SER A 57 3.93 -22.95 -1.59
N GLN A 58 5.14 -23.26 -1.12
CA GLN A 58 5.42 -24.56 -0.51
C GLN A 58 4.46 -24.87 0.63
N GLU A 59 4.19 -23.88 1.48
CA GLU A 59 3.39 -24.12 2.69
C GLU A 59 1.86 -24.02 2.52
N PHE A 60 1.38 -23.23 1.57
CA PHE A 60 -0.06 -23.00 1.44
C PHE A 60 -0.57 -23.10 0.02
N GLY A 61 0.27 -23.60 -0.89
CA GLY A 61 -0.06 -23.63 -2.31
C GLY A 61 -1.34 -24.36 -2.66
N ASP A 62 -1.70 -25.37 -1.86
CA ASP A 62 -2.85 -26.22 -2.16
C ASP A 62 -4.21 -25.58 -1.83
N GLN A 63 -4.20 -24.38 -1.26
CA GLN A 63 -5.45 -23.71 -0.89
C GLN A 63 -6.14 -23.12 -2.10
N ASP A 64 -7.47 -23.03 -2.02
CA ASP A 64 -8.30 -22.51 -3.11
C ASP A 64 -8.49 -21.03 -2.96
N VAL A 65 -8.33 -20.28 -4.04
CA VAL A 65 -8.47 -18.83 -3.98
C VAL A 65 -9.00 -18.25 -5.29
N ASP A 66 -9.49 -17.02 -5.22
CA ASP A 66 -9.81 -16.22 -6.40
C ASP A 66 -8.71 -15.18 -6.60
N LEU A 67 -8.41 -14.87 -7.87
CA LEU A 67 -7.46 -13.82 -8.20
C LEU A 67 -8.17 -12.70 -8.96
N VAL A 68 -7.50 -11.56 -9.08
CA VAL A 68 -8.01 -10.43 -9.84
C VAL A 68 -6.99 -10.01 -10.91
N ASN A 69 -7.45 -9.88 -12.16
CA ASN A 69 -6.64 -9.30 -13.21
C ASN A 69 -6.67 -7.80 -12.97
N CYS A 70 -5.49 -7.23 -12.64
CA CYS A 70 -5.37 -5.79 -12.31
C CYS A 70 -5.64 -4.85 -13.49
N ARG A 71 -5.48 -5.35 -14.71
CA ARG A 71 -5.63 -4.54 -15.91
C ARG A 71 -7.09 -4.32 -16.32
N ASN A 72 -7.94 -5.33 -16.09
CA ASN A 72 -9.35 -5.25 -16.47
C ASN A 72 -10.33 -5.58 -15.35
N CYS A 73 -9.80 -5.80 -14.15
CA CYS A 73 -10.62 -6.13 -12.98
C CYS A 73 -11.35 -7.47 -13.04
N ALA A 74 -11.09 -8.28 -14.06
CA ALA A 74 -11.77 -9.57 -14.17
C ALA A 74 -11.33 -10.45 -13.01
N ILE A 75 -12.26 -11.27 -12.52
CA ILE A 75 -11.98 -12.23 -11.47
C ILE A 75 -11.69 -13.60 -12.08
N ILE A 76 -10.64 -14.24 -11.57
CA ILE A 76 -10.30 -15.61 -11.92
C ILE A 76 -10.76 -16.52 -10.78
N SER A 77 -11.89 -17.21 -10.98
CA SER A 77 -12.54 -17.97 -9.91
C SER A 77 -11.89 -19.33 -9.62
N ASP A 78 -11.88 -19.74 -8.36
CA ASP A 78 -11.49 -21.09 -7.95
C ASP A 78 -10.15 -21.55 -8.52
N VAL A 79 -9.10 -20.76 -8.32
CA VAL A 79 -7.74 -21.15 -8.70
C VAL A 79 -6.99 -21.58 -7.43
N LYS A 80 -5.75 -22.01 -7.59
CA LYS A 80 -4.93 -22.43 -6.45
C LYS A 80 -3.95 -21.34 -6.03
N VAL A 81 -3.62 -21.33 -4.74
CA VAL A 81 -2.67 -20.37 -4.19
C VAL A 81 -1.28 -20.42 -4.87
N ARG A 82 -0.79 -21.63 -5.13
CA ARG A 82 0.50 -21.77 -5.83
C ARG A 82 0.47 -21.17 -7.23
N ASP A 83 -0.71 -21.06 -7.84
CA ASP A 83 -0.80 -20.44 -9.16
C ASP A 83 -0.29 -18.99 -9.06
N PHE A 84 -0.69 -18.31 -8.00
CA PHE A 84 -0.25 -16.93 -7.80
C PHE A 84 1.24 -16.88 -7.53
N TRP A 85 1.66 -17.58 -6.48
CA TRP A 85 3.03 -17.46 -5.98
C TRP A 85 4.09 -17.98 -6.95
N ASP A 86 3.77 -19.02 -7.71
CA ASP A 86 4.74 -19.55 -8.68
C ASP A 86 5.04 -18.54 -9.83
N GLY A 87 4.06 -17.72 -10.19
CA GLY A 87 4.23 -16.66 -11.20
C GLY A 87 4.62 -15.27 -10.67
N PHE A 88 4.84 -15.15 -9.36
CA PHE A 88 5.20 -13.87 -8.71
C PHE A 88 6.44 -13.21 -9.36
N GLU A 89 7.49 -14.01 -9.52
CA GLU A 89 8.74 -13.58 -10.19
C GLU A 89 9.01 -14.26 -11.54
N ILE A 90 8.49 -15.46 -11.75
CA ILE A 90 8.75 -16.23 -13.00
C ILE A 90 7.58 -16.01 -13.97
N ILE A 91 7.78 -15.09 -14.92
CA ILE A 91 6.72 -14.62 -15.80
C ILE A 91 6.10 -15.78 -16.60
N CYS A 92 6.91 -16.70 -17.09
CA CYS A 92 6.37 -17.80 -17.89
C CYS A 92 5.46 -18.73 -17.09
N LYS A 93 5.47 -18.65 -15.74
CA LYS A 93 4.57 -19.48 -14.92
C LYS A 93 3.25 -18.78 -14.59
N ARG A 94 3.09 -17.53 -15.01
CA ARG A 94 1.87 -16.80 -14.73
C ARG A 94 0.72 -17.34 -15.55
N LEU A 95 -0.46 -17.43 -14.93
CA LEU A 95 -1.68 -17.74 -15.64
C LEU A 95 -1.89 -16.74 -16.78
N ARG A 96 -2.48 -17.21 -17.87
CA ARG A 96 -2.56 -16.43 -19.12
C ARG A 96 -3.99 -16.08 -19.49
N SER A 97 -4.16 -14.96 -20.17
CA SER A 97 -5.47 -14.55 -20.67
C SER A 97 -5.79 -15.35 -21.94
N GLU A 98 -7.00 -15.19 -22.47
CA GLU A 98 -7.42 -15.87 -23.70
C GLU A 98 -6.34 -15.79 -24.77
N ASP A 99 -5.76 -14.60 -24.93
CA ASP A 99 -4.69 -14.36 -25.93
C ASP A 99 -3.33 -15.01 -25.62
N GLY A 100 -3.24 -15.79 -24.56
CA GLY A 100 -1.99 -16.50 -24.22
C GLY A 100 -0.92 -15.62 -23.59
N GLN A 101 -1.29 -14.42 -23.16
CA GLN A 101 -0.33 -13.51 -22.51
C GLN A 101 -0.38 -13.63 -20.99
N PRO A 102 0.80 -13.56 -20.32
CA PRO A 102 0.83 -13.58 -18.85
C PRO A 102 0.10 -12.38 -18.26
N MET A 103 -0.73 -12.62 -17.25
CA MET A 103 -1.51 -11.55 -16.61
C MET A 103 -0.84 -10.94 -15.38
N VAL A 104 -1.10 -9.66 -15.16
CA VAL A 104 -0.76 -8.98 -13.93
C VAL A 104 -1.90 -9.24 -12.94
N LEU A 105 -1.58 -9.97 -11.87
CA LEU A 105 -2.59 -10.48 -10.95
C LEU A 105 -2.42 -10.01 -9.51
N LYS A 106 -3.54 -10.00 -8.81
CA LYS A 106 -3.58 -9.72 -7.38
C LYS A 106 -4.31 -10.89 -6.71
N LEU A 107 -3.78 -11.31 -5.55
CA LEU A 107 -4.36 -12.40 -4.78
C LEU A 107 -5.47 -11.83 -3.90
N LYS A 108 -6.71 -12.26 -4.11
CA LYS A 108 -7.86 -11.66 -3.43
C LYS A 108 -8.14 -12.33 -2.08
N ASP A 109 -8.37 -11.51 -1.06
CA ASP A 109 -8.81 -11.96 0.26
C ASP A 109 -7.99 -13.10 0.86
N TRP A 110 -6.66 -13.00 0.82
CA TRP A 110 -5.79 -14.06 1.39
C TRP A 110 -4.71 -13.56 2.36
N PRO A 111 -4.59 -14.21 3.53
CA PRO A 111 -5.50 -15.21 4.10
C PRO A 111 -6.92 -14.65 4.32
N PRO A 112 -7.95 -15.52 4.30
CA PRO A 112 -9.33 -15.01 4.38
C PRO A 112 -9.76 -14.77 5.82
N GLY A 113 -10.56 -13.73 6.05
CA GLY A 113 -11.12 -13.44 7.37
C GLY A 113 -10.11 -12.88 8.36
N GLU A 114 -10.04 -13.50 9.54
CA GLU A 114 -9.05 -13.16 10.55
C GLU A 114 -8.04 -14.31 10.69
N ASP A 115 -7.86 -15.07 9.60
CA ASP A 115 -7.07 -16.30 9.64
C ASP A 115 -5.55 -16.09 9.67
N PHE A 116 -5.07 -14.86 9.52
CA PHE A 116 -3.62 -14.65 9.46
C PHE A 116 -2.93 -15.27 10.66
N ARG A 117 -3.31 -14.83 11.86
CA ARG A 117 -2.68 -15.28 13.10
C ARG A 117 -2.75 -16.80 13.24
N ASP A 118 -3.95 -17.35 12.98
CA ASP A 118 -4.19 -18.79 13.04
C ASP A 118 -3.41 -19.54 11.97
N MET A 119 -3.52 -19.09 10.72
CA MET A 119 -2.85 -19.74 9.59
C MET A 119 -1.33 -19.56 9.60
N MET A 120 -0.85 -18.39 10.06
CA MET A 120 0.59 -18.07 10.00
C MET A 120 1.10 -17.54 11.32
N PRO A 121 1.13 -18.37 12.35
CA PRO A 121 1.55 -17.87 13.67
C PRO A 121 2.98 -17.33 13.74
N THR A 122 3.93 -17.96 13.04
CA THR A 122 5.34 -17.53 13.13
C THR A 122 5.57 -16.18 12.40
N ARG A 123 4.86 -16.00 11.29
CA ARG A 123 4.90 -14.75 10.56
C ARG A 123 4.25 -13.64 11.37
N PHE A 124 3.11 -13.97 11.97
CA PHE A 124 2.42 -13.06 12.87
C PHE A 124 3.35 -12.53 13.96
N GLU A 125 4.08 -13.42 14.62
CA GLU A 125 4.98 -12.99 15.72
C GLU A 125 6.16 -12.18 15.14
N ASP A 126 6.64 -12.54 13.95
CA ASP A 126 7.80 -11.87 13.37
C ASP A 126 7.44 -10.41 13.00
N LEU A 127 6.29 -10.23 12.37
CA LEU A 127 5.80 -8.89 12.05
C LEU A 127 5.58 -8.08 13.32
N MET A 128 4.83 -8.63 14.26
CA MET A 128 4.41 -7.86 15.43
C MET A 128 5.60 -7.54 16.32
N GLU A 129 6.58 -8.43 16.42
CA GLU A 129 7.76 -8.13 17.24
C GLU A 129 8.65 -7.03 16.63
N ASN A 130 8.47 -6.73 15.33
CA ASN A 130 9.35 -5.76 14.67
C ASN A 130 8.66 -4.55 14.03
N LEU A 131 7.37 -4.36 14.30
CA LEU A 131 6.67 -3.18 13.83
C LEU A 131 7.29 -1.93 14.45
N PRO A 132 7.53 -0.88 13.64
CA PRO A 132 7.94 0.39 14.23
C PRO A 132 6.78 1.06 14.96
N LEU A 133 7.13 2.03 15.80
CA LEU A 133 6.17 2.69 16.72
C LEU A 133 5.25 1.66 17.41
N PRO A 134 5.87 0.69 18.11
CA PRO A 134 5.16 -0.46 18.68
C PRO A 134 4.07 -0.10 19.71
N GLU A 135 4.23 1.00 20.41
CA GLU A 135 3.23 1.43 21.38
C GLU A 135 1.95 1.89 20.65
N TYR A 136 2.09 2.32 19.40
CA TYR A 136 0.93 2.66 18.56
C TYR A 136 0.44 1.46 17.79
N THR A 137 1.37 0.64 17.28
CA THR A 137 1.02 -0.32 16.26
C THR A 137 0.69 -1.70 16.80
N LYS A 138 1.28 -2.12 17.92
CA LYS A 138 1.05 -3.48 18.44
C LYS A 138 -0.34 -3.61 19.03
N ARG A 139 -0.97 -4.76 18.80
CA ARG A 139 -2.32 -5.06 19.28
C ARG A 139 -2.48 -4.71 20.76
N ASP A 140 -1.44 -4.98 21.55
CA ASP A 140 -1.46 -4.65 22.97
C ASP A 140 -0.53 -3.49 23.33
N GLY A 141 -0.23 -2.62 22.37
CA GLY A 141 0.60 -1.43 22.62
C GLY A 141 -0.17 -0.36 23.36
N ARG A 142 0.50 0.35 24.25
CA ARG A 142 -0.20 1.19 25.21
C ARG A 142 -0.87 2.42 24.64
N LEU A 143 -0.55 2.80 23.40
CA LEU A 143 -1.24 3.91 22.73
C LEU A 143 -2.18 3.40 21.65
N ASN A 144 -2.35 2.10 21.57
CA ASN A 144 -3.29 1.52 20.65
C ASN A 144 -4.63 1.25 21.36
N LEU A 145 -5.64 2.03 20.96
CA LEU A 145 -6.97 1.99 21.56
C LEU A 145 -7.86 0.94 20.93
N ALA A 146 -7.34 0.23 19.93
CA ALA A 146 -8.14 -0.68 19.12
C ALA A 146 -8.95 -1.66 19.98
N SER A 147 -8.26 -2.31 20.91
CA SER A 147 -8.84 -3.32 21.77
C SER A 147 -9.35 -2.72 23.09
N ARG A 148 -8.99 -1.47 23.36
CA ARG A 148 -9.35 -0.85 24.64
C ARG A 148 -10.70 -0.16 24.60
N LEU A 149 -11.19 0.15 23.41
CA LEU A 149 -12.47 0.80 23.31
C LEU A 149 -13.58 -0.26 23.28
N PRO A 150 -14.83 0.15 23.56
CA PRO A 150 -15.99 -0.73 23.32
C PRO A 150 -16.29 -0.84 21.82
N SER A 151 -17.37 -1.53 21.45
CA SER A 151 -17.52 -2.07 20.09
C SER A 151 -17.80 -1.08 18.92
N TYR A 152 -17.19 0.11 18.93
CA TYR A 152 -17.49 1.14 17.89
C TYR A 152 -16.26 1.85 17.25
N PHE A 153 -15.15 1.12 17.09
CA PHE A 153 -14.08 1.51 16.16
C PHE A 153 -13.75 0.31 15.26
N PRO A 160 -4.14 -8.25 10.96
CA PRO A 160 -3.08 -8.05 9.96
C PRO A 160 -3.51 -8.54 8.59
N LYS A 161 -3.37 -7.69 7.58
CA LYS A 161 -3.85 -7.96 6.23
C LYS A 161 -2.68 -7.97 5.26
N MET A 162 -2.69 -8.92 4.32
CA MET A 162 -1.70 -8.93 3.22
C MET A 162 -2.22 -8.27 1.95
N TYR A 163 -1.33 -7.56 1.27
CA TYR A 163 -1.56 -7.09 -0.08
C TYR A 163 -0.46 -7.67 -0.95
N ASN A 164 -0.84 -8.65 -1.74
CA ASN A 164 0.07 -9.37 -2.59
C ASN A 164 -0.40 -9.22 -4.05
N ALA A 165 0.45 -8.65 -4.89
CA ALA A 165 0.12 -8.50 -6.31
C ALA A 165 1.38 -8.30 -7.13
N TYR A 166 1.27 -8.60 -8.42
CA TYR A 166 2.35 -8.39 -9.38
C TYR A 166 2.47 -6.91 -9.72
N GLY A 167 3.51 -6.55 -10.47
CA GLY A 167 3.77 -5.18 -10.91
C GLY A 167 3.10 -4.78 -12.23
N LEU A 168 2.90 -3.48 -12.38
CA LEU A 168 2.32 -2.86 -13.58
C LEU A 168 3.35 -1.87 -14.14
N ILE A 169 4.09 -2.29 -15.17
CA ILE A 169 5.26 -1.52 -15.63
C ILE A 169 5.12 -0.78 -16.97
N THR A 170 4.15 -1.15 -17.81
CA THR A 170 4.05 -0.54 -19.16
C THR A 170 3.61 0.92 -19.10
N ALA A 171 3.69 1.58 -20.25
CA ALA A 171 3.17 2.94 -20.38
C ALA A 171 1.65 2.92 -20.29
N GLU A 172 1.02 1.97 -20.98
CA GLU A 172 -0.43 1.74 -20.86
C GLU A 172 -0.84 1.51 -19.40
N ASP A 173 0.00 0.76 -18.68
CA ASP A 173 -0.25 0.43 -17.28
C ASP A 173 -0.24 1.64 -16.34
N ARG A 174 0.48 2.70 -16.69
CA ARG A 174 0.62 3.87 -15.80
C ARG A 174 -0.69 4.49 -15.30
N ARG A 175 -1.78 4.31 -16.02
CA ARG A 175 -3.07 4.86 -15.57
C ARG A 175 -3.94 3.82 -14.87
N VAL A 176 -3.36 2.66 -14.55
CA VAL A 176 -4.06 1.61 -13.81
C VAL A 176 -3.51 1.49 -12.38
N GLY A 177 -4.42 1.37 -11.42
CA GLY A 177 -4.05 1.13 -10.03
C GLY A 177 -3.96 -0.35 -9.74
N THR A 178 -2.96 -0.74 -8.96
CA THR A 178 -2.94 -2.03 -8.28
C THR A 178 -4.12 -2.03 -7.30
N THR A 179 -4.20 -0.98 -6.48
CA THR A 179 -5.36 -0.75 -5.63
C THR A 179 -5.86 0.66 -5.87
N ASN A 180 -7.11 0.78 -6.28
CA ASN A 180 -7.71 2.08 -6.57
C ASN A 180 -7.89 2.97 -5.35
N LEU A 181 -8.02 4.26 -5.61
CA LEU A 181 -8.23 5.26 -4.60
C LEU A 181 -9.37 4.90 -3.65
N HIS A 182 -9.07 4.87 -2.36
CA HIS A 182 -10.07 4.63 -1.34
C HIS A 182 -9.54 5.18 -0.01
N LEU A 183 -10.32 5.02 1.05
CA LEU A 183 -9.83 5.32 2.39
C LEU A 183 -10.13 4.16 3.31
N ASP A 184 -9.43 4.08 4.44
CA ASP A 184 -9.76 3.08 5.47
C ASP A 184 -10.19 3.79 6.75
N VAL A 185 -10.86 3.05 7.61
CA VAL A 185 -11.56 3.66 8.74
C VAL A 185 -10.68 3.82 9.97
N SER A 186 -9.61 3.02 10.08
CA SER A 186 -8.68 3.13 11.19
C SER A 186 -7.28 3.49 10.71
N ASP A 187 -6.40 3.83 11.64
CA ASP A 187 -5.01 4.04 11.28
C ASP A 187 -4.43 2.70 10.84
N ALA A 188 -3.41 2.74 10.01
CA ALA A 188 -2.69 1.50 9.65
C ALA A 188 -1.24 1.77 9.37
N VAL A 189 -0.43 0.72 9.49
CA VAL A 189 0.94 0.72 8.99
C VAL A 189 1.08 -0.42 7.99
N ASN A 190 1.59 -0.09 6.80
CA ASN A 190 1.74 -1.05 5.72
C ASN A 190 3.21 -1.25 5.46
N VAL A 191 3.68 -2.47 5.66
CA VAL A 191 5.08 -2.81 5.52
C VAL A 191 5.35 -3.65 4.25
N MET A 192 6.34 -3.23 3.48
CA MET A 192 6.82 -3.95 2.32
C MET A 192 7.86 -4.95 2.79
N VAL A 193 7.48 -6.22 2.86
CA VAL A 193 8.36 -7.27 3.39
C VAL A 193 9.10 -8.04 2.30
N TYR A 194 8.67 -7.89 1.05
CA TYR A 194 9.35 -8.52 -0.07
C TYR A 194 9.03 -7.81 -1.38
N VAL A 195 10.07 -7.60 -2.19
CA VAL A 195 9.90 -7.07 -3.54
C VAL A 195 10.50 -8.07 -4.52
N GLY A 196 9.68 -8.54 -5.45
CA GLY A 196 10.12 -9.49 -6.48
C GLY A 196 10.28 -8.82 -7.85
N ILE A 197 11.49 -8.92 -8.41
CA ILE A 197 11.82 -8.41 -9.75
C ILE A 197 11.62 -9.51 -10.78
N PRO A 198 10.58 -9.39 -11.63
CA PRO A 198 10.22 -10.54 -12.47
C PRO A 198 11.22 -10.78 -13.60
N ILE A 199 11.38 -12.06 -13.97
CA ILE A 199 12.23 -12.44 -15.09
C ILE A 199 11.38 -13.09 -16.18
N GLY A 200 11.83 -12.91 -17.43
CA GLY A 200 11.15 -13.52 -18.57
C GLY A 200 10.72 -12.51 -19.62
N GLU A 201 10.95 -11.24 -19.36
CA GLU A 201 10.76 -10.20 -20.38
C GLU A 201 11.92 -9.23 -20.41
N GLY A 202 13.04 -9.57 -19.76
CA GLY A 202 14.20 -8.69 -19.70
C GLY A 202 14.03 -7.56 -18.72
N ALA A 203 15.01 -6.65 -18.65
CA ALA A 203 15.01 -5.56 -17.64
C ALA A 203 13.89 -4.56 -17.85
N HIS A 204 13.40 -3.97 -16.74
CA HIS A 204 12.31 -2.98 -16.81
C HIS A 204 12.61 -1.70 -16.03
N ASP A 205 13.90 -1.46 -15.79
CA ASP A 205 14.35 -0.36 -14.93
C ASP A 205 13.89 1.00 -15.41
N GLU A 206 13.98 1.22 -16.72
CA GLU A 206 13.68 2.52 -17.30
C GLU A 206 12.20 2.79 -17.25
N GLU A 207 11.39 1.77 -17.49
CA GLU A 207 9.94 1.90 -17.35
C GLU A 207 9.55 2.22 -15.91
N VAL A 208 10.22 1.56 -14.98
CA VAL A 208 9.98 1.79 -13.56
C VAL A 208 10.28 3.24 -13.22
N LEU A 209 11.44 3.72 -13.66
CA LEU A 209 11.83 5.12 -13.41
C LEU A 209 10.90 6.13 -14.07
N LYS A 210 10.46 5.87 -15.30
CA LYS A 210 9.55 6.81 -15.99
C LYS A 210 8.19 6.80 -15.27
N THR A 211 7.79 5.65 -14.75
CA THR A 211 6.54 5.57 -13.99
C THR A 211 6.56 6.38 -12.67
N ILE A 212 7.66 6.35 -11.92
CA ILE A 212 7.73 7.15 -10.69
C ILE A 212 7.84 8.67 -11.00
N ASP A 213 8.62 9.01 -12.02
CA ASP A 213 8.75 10.40 -12.48
C ASP A 213 7.40 10.99 -12.87
N GLU A 214 6.65 10.25 -13.67
CA GLU A 214 5.31 10.67 -14.08
C GLU A 214 4.35 10.67 -12.88
N GLY A 215 4.59 9.79 -11.92
CA GLY A 215 3.86 9.79 -10.65
C GLY A 215 4.22 10.92 -9.69
N ASP A 216 5.11 11.81 -10.12
CA ASP A 216 5.48 13.02 -9.36
C ASP A 216 6.43 12.77 -8.18
N ALA A 217 7.22 11.70 -8.22
CA ALA A 217 8.16 11.45 -7.13
C ALA A 217 9.29 12.46 -7.17
N ASP A 218 9.83 12.78 -5.99
CA ASP A 218 10.87 13.80 -5.84
C ASP A 218 12.25 13.25 -6.15
N GLU A 219 13.21 14.15 -6.22
CA GLU A 219 14.58 13.85 -6.64
C GLU A 219 15.30 12.99 -5.61
N VAL A 220 15.00 13.19 -4.33
CA VAL A 220 15.68 12.42 -3.27
C VAL A 220 15.14 10.98 -3.22
N THR A 221 13.84 10.83 -3.41
CA THR A 221 13.23 9.53 -3.59
C THR A 221 13.91 8.77 -4.72
N LYS A 222 14.16 9.47 -5.84
CA LYS A 222 14.80 8.83 -7.01
C LYS A 222 16.29 8.49 -6.77
N GLN A 223 16.96 9.22 -5.87
CA GLN A 223 18.35 8.90 -5.52
C GLN A 223 18.44 7.58 -4.78
N ARG A 224 17.36 7.18 -4.11
CA ARG A 224 17.32 5.89 -3.41
C ARG A 224 17.52 4.74 -4.40
N ILE A 225 17.07 4.97 -5.64
CA ILE A 225 17.38 4.07 -6.76
C ILE A 225 18.78 4.36 -7.30
N HIS A 226 18.98 5.56 -7.84
CA HIS A 226 20.24 5.89 -8.53
C HIS A 226 21.49 5.73 -7.65
N ASP A 227 21.46 6.29 -6.44
CA ASP A 227 22.59 6.18 -5.50
C ASP A 227 22.45 4.94 -4.61
N GLY A 228 21.31 4.82 -3.91
CA GLY A 228 21.11 3.73 -2.95
C GLY A 228 20.97 2.34 -3.52
N LYS A 229 20.51 2.26 -4.78
CA LYS A 229 20.24 0.98 -5.45
C LYS A 229 19.19 0.14 -4.70
N GLU A 230 18.23 0.82 -4.08
CA GLU A 230 17.15 0.13 -3.38
C GLU A 230 16.12 -0.37 -4.39
N LYS A 231 15.43 -1.41 -3.99
CA LYS A 231 14.47 -2.08 -4.82
C LYS A 231 13.09 -1.42 -4.64
N PRO A 232 12.60 -0.69 -5.65
CA PRO A 232 11.31 -0.04 -5.48
C PRO A 232 10.15 -1.03 -5.56
N GLY A 233 9.28 -1.02 -4.55
CA GLY A 233 8.12 -1.91 -4.55
C GLY A 233 6.93 -1.29 -5.26
N ALA A 234 6.43 -0.20 -4.70
CA ALA A 234 5.15 0.36 -5.10
C ALA A 234 5.14 1.88 -5.04
N LEU A 235 4.31 2.50 -5.88
CA LEU A 235 4.10 3.94 -5.91
C LEU A 235 2.74 4.24 -5.31
N TRP A 236 2.75 5.04 -4.25
CA TRP A 236 1.56 5.44 -3.53
C TRP A 236 1.25 6.88 -3.81
N HIS A 237 -0.04 7.20 -3.90
CA HIS A 237 -0.50 8.57 -3.72
C HIS A 237 -1.44 8.61 -2.51
N ILE A 238 -1.11 9.45 -1.53
CA ILE A 238 -1.92 9.57 -0.31
C ILE A 238 -2.34 11.02 -0.15
N TYR A 239 -3.55 11.20 0.34
CA TYR A 239 -4.12 12.53 0.56
C TYR A 239 -4.59 12.69 1.99
N ALA A 240 -4.59 13.93 2.47
CA ALA A 240 -5.02 14.23 3.81
C ALA A 240 -6.53 13.95 3.96
N ALA A 241 -6.90 13.42 5.13
CA ALA A 241 -8.29 13.04 5.43
C ALA A 241 -9.24 14.20 5.17
N LYS A 242 -8.83 15.39 5.61
CA LYS A 242 -9.58 16.63 5.41
C LYS A 242 -9.88 16.93 3.95
N ASP A 243 -8.97 16.54 3.04
CA ASP A 243 -9.07 16.85 1.62
C ASP A 243 -10.01 15.90 0.86
N ALA A 244 -10.61 14.94 1.56
CA ALA A 244 -11.38 13.88 0.91
C ALA A 244 -12.62 14.39 0.17
N GLU A 245 -13.33 15.38 0.74
CA GLU A 245 -14.52 15.93 0.05
C GLU A 245 -14.13 16.66 -1.24
N LYS A 246 -13.11 17.52 -1.15
CA LYS A 246 -12.55 18.19 -2.33
C LYS A 246 -12.21 17.19 -3.45
N ILE A 247 -11.72 16.01 -3.06
CA ILE A 247 -11.45 14.93 -4.03
C ILE A 247 -12.75 14.27 -4.53
N ARG A 248 -13.72 14.05 -3.64
CA ARG A 248 -15.04 13.57 -4.05
C ARG A 248 -15.70 14.51 -5.08
N GLU A 249 -15.65 15.82 -4.81
CA GLU A 249 -16.20 16.84 -5.71
C GLU A 249 -15.61 16.72 -7.12
N LEU A 250 -14.29 16.61 -7.21
CA LEU A 250 -13.60 16.43 -8.50
C LEU A 250 -14.13 15.22 -9.25
N LEU A 251 -14.25 14.10 -8.55
CA LEU A 251 -14.61 12.83 -9.18
C LEU A 251 -16.10 12.69 -9.51
N ARG A 252 -16.97 13.34 -8.74
CA ARG A 252 -18.38 13.41 -9.12
C ARG A 252 -18.50 14.06 -10.50
N LYS A 253 -17.82 15.20 -10.66
CA LYS A 253 -17.83 15.97 -11.90
C LYS A 253 -17.26 15.20 -13.09
N VAL A 254 -16.10 14.58 -12.88
CA VAL A 254 -15.42 13.84 -13.96
C VAL A 254 -16.29 12.65 -14.39
N GLY A 255 -16.86 11.95 -13.41
CA GLY A 255 -17.76 10.83 -13.67
C GLY A 255 -18.99 11.22 -14.48
N GLU A 256 -19.57 12.38 -14.16
CA GLU A 256 -20.74 12.91 -14.87
C GLU A 256 -20.40 13.22 -16.32
N GLU A 257 -19.13 13.51 -16.58
CA GLU A 257 -18.63 13.69 -17.95
C GLU A 257 -18.49 12.36 -18.70
N GLN A 258 -19.05 11.29 -18.14
CA GLN A 258 -19.32 10.06 -18.88
C GLN A 258 -20.65 9.40 -18.46
N GLY A 259 -21.57 10.20 -17.91
CA GLY A 259 -22.87 9.71 -17.43
C GLY A 259 -22.86 9.22 -15.98
N GLN A 260 -23.37 10.04 -15.06
CA GLN A 260 -23.43 9.70 -13.63
C GLN A 260 -24.60 8.76 -13.34
N PRO A 264 -26.16 10.51 -9.63
CA PRO A 264 -26.50 10.44 -8.19
C PRO A 264 -25.48 11.15 -7.31
N ASP A 265 -25.92 11.84 -6.26
CA ASP A 265 -24.99 12.42 -5.27
C ASP A 265 -24.32 11.33 -4.44
N HIS A 266 -23.39 10.60 -5.06
CA HIS A 266 -22.80 9.38 -4.50
C HIS A 266 -21.31 9.60 -4.16
N ASP A 267 -20.65 8.54 -3.68
CA ASP A 267 -19.27 8.64 -3.16
C ASP A 267 -18.24 7.92 -4.04
N PRO A 268 -17.49 8.69 -4.84
CA PRO A 268 -16.46 8.10 -5.70
C PRO A 268 -15.30 7.41 -4.96
N ILE A 269 -15.01 7.84 -3.74
CA ILE A 269 -13.93 7.23 -2.98
C ILE A 269 -14.36 5.85 -2.44
N HIS A 270 -15.56 5.80 -1.86
CA HIS A 270 -16.16 4.53 -1.44
C HIS A 270 -16.39 3.57 -2.61
N ASP A 271 -16.63 4.09 -3.81
CA ASP A 271 -16.84 3.25 -5.00
C ASP A 271 -15.54 2.55 -5.42
N GLN A 272 -14.40 3.12 -5.03
CA GLN A 272 -13.08 2.55 -5.29
C GLN A 272 -12.86 2.18 -6.75
N SER A 273 -13.33 3.05 -7.64
CA SER A 273 -13.28 2.83 -9.08
C SER A 273 -12.28 3.74 -9.78
N TRP A 274 -11.66 4.66 -9.05
CA TRP A 274 -10.79 5.66 -9.66
C TRP A 274 -9.33 5.47 -9.29
N TYR A 275 -8.45 5.65 -10.29
CA TYR A 275 -7.03 5.83 -10.08
C TYR A 275 -6.63 7.21 -10.62
N LEU A 276 -6.08 8.07 -9.76
CA LEU A 276 -5.70 9.42 -10.18
C LEU A 276 -4.39 9.43 -10.97
N ASP A 277 -4.50 9.53 -12.29
CA ASP A 277 -3.31 9.56 -13.17
C ASP A 277 -2.67 10.93 -13.10
N GLN A 278 -1.61 11.16 -13.89
CA GLN A 278 -0.93 12.46 -13.84
C GLN A 278 -1.85 13.59 -14.31
N THR A 279 -2.83 13.27 -15.13
CA THR A 279 -3.85 14.23 -15.59
C THR A 279 -4.66 14.78 -14.43
N LEU A 280 -5.34 13.88 -13.70
CA LEU A 280 -6.23 14.31 -12.62
C LEU A 280 -5.48 14.89 -11.43
N ARG A 281 -4.23 14.50 -11.22
CA ARG A 281 -3.46 15.00 -10.07
C ARG A 281 -3.05 16.47 -10.25
N LYS A 282 -2.58 16.82 -11.44
CA LYS A 282 -2.38 18.24 -11.79
C LYS A 282 -3.69 19.01 -11.61
N ARG A 283 -4.78 18.42 -12.11
CA ARG A 283 -6.11 19.02 -12.02
C ARG A 283 -6.59 19.21 -10.59
N LEU A 284 -6.49 18.16 -9.79
CA LEU A 284 -6.84 18.22 -8.37
C LEU A 284 -6.06 19.32 -7.65
N TYR A 285 -4.79 19.50 -8.02
CA TYR A 285 -3.94 20.53 -7.41
C TYR A 285 -4.31 21.95 -7.85
N GLU A 286 -4.36 22.19 -9.15
CA GLU A 286 -4.65 23.54 -9.67
C GLU A 286 -6.10 23.98 -9.45
N GLU A 287 -7.03 23.03 -9.56
CA GLU A 287 -8.46 23.30 -9.47
C GLU A 287 -9.01 23.19 -8.05
N TYR A 288 -8.36 22.42 -7.18
CA TYR A 288 -8.82 22.32 -5.78
C TYR A 288 -7.75 22.62 -4.73
N GLY A 289 -6.53 22.94 -5.15
CA GLY A 289 -5.43 23.25 -4.21
C GLY A 289 -4.81 22.04 -3.52
N VAL A 290 -5.34 20.85 -3.81
CA VAL A 290 -5.04 19.66 -3.04
C VAL A 290 -3.79 18.96 -3.58
N GLN A 291 -2.75 18.95 -2.76
CA GLN A 291 -1.50 18.33 -3.08
C GLN A 291 -1.34 17.16 -2.11
N GLY A 292 -1.15 15.97 -2.65
CA GLY A 292 -0.98 14.76 -1.83
C GLY A 292 0.50 14.43 -1.66
N TRP A 293 0.76 13.20 -1.22
CA TRP A 293 2.12 12.71 -1.06
C TRP A 293 2.31 11.61 -2.05
N ALA A 294 3.25 11.81 -2.98
CA ALA A 294 3.66 10.79 -3.91
C ALA A 294 4.78 10.04 -3.23
N ILE A 295 4.59 8.75 -3.00
CA ILE A 295 5.50 7.98 -2.16
C ILE A 295 5.83 6.65 -2.81
N VAL A 296 7.13 6.43 -2.96
CA VAL A 296 7.61 5.18 -3.44
C VAL A 296 8.04 4.36 -2.26
N GLN A 297 7.40 3.21 -2.11
CA GLN A 297 7.66 2.31 -1.00
C GLN A 297 8.67 1.25 -1.42
N PHE A 298 9.87 1.34 -0.88
CA PHE A 298 10.95 0.37 -1.16
C PHE A 298 10.87 -0.85 -0.24
N LEU A 299 11.63 -1.88 -0.54
CA LEU A 299 11.78 -3.00 0.37
C LEU A 299 12.06 -2.50 1.79
N GLY A 300 11.26 -2.94 2.76
CA GLY A 300 11.47 -2.55 4.16
C GLY A 300 10.84 -1.27 4.64
N ASP A 301 10.21 -0.52 3.74
CA ASP A 301 9.52 0.69 4.09
C ASP A 301 8.16 0.38 4.64
N ALA A 302 7.87 1.04 5.77
CA ALA A 302 6.57 1.00 6.40
C ALA A 302 5.89 2.34 6.19
N VAL A 303 4.70 2.31 5.60
CA VAL A 303 3.93 3.49 5.33
C VAL A 303 2.79 3.58 6.35
N PHE A 304 2.77 4.69 7.11
CA PHE A 304 1.72 5.00 8.07
C PHE A 304 0.64 5.85 7.43
N ILE A 305 -0.56 5.29 7.35
CA ILE A 305 -1.66 5.89 6.62
C ILE A 305 -2.69 6.29 7.65
N PRO A 306 -2.94 7.60 7.79
CA PRO A 306 -3.93 8.06 8.77
C PRO A 306 -5.32 7.58 8.43
N ALA A 307 -6.09 7.27 9.46
CA ALA A 307 -7.49 6.90 9.29
C ALA A 307 -8.16 7.94 8.40
N GLY A 308 -8.81 7.46 7.35
CA GLY A 308 -9.59 8.34 6.48
C GLY A 308 -8.81 9.11 5.44
N ALA A 309 -7.48 8.97 5.44
CA ALA A 309 -6.61 9.59 4.45
C ALA A 309 -6.74 8.82 3.14
N PRO A 310 -7.32 9.45 2.09
CA PRO A 310 -7.50 8.68 0.85
C PRO A 310 -6.18 8.28 0.23
N HIS A 311 -6.14 7.10 -0.36
CA HIS A 311 -4.91 6.59 -0.93
C HIS A 311 -5.15 5.56 -2.03
N GLN A 312 -4.17 5.51 -2.94
CA GLN A 312 -4.14 4.56 -4.05
C GLN A 312 -2.73 3.99 -4.15
N VAL A 313 -2.63 2.75 -4.66
CA VAL A 313 -1.34 2.08 -4.79
C VAL A 313 -1.13 1.49 -6.19
N HIS A 314 0.10 1.60 -6.68
CA HIS A 314 0.47 1.15 -8.00
C HIS A 314 1.79 0.41 -7.87
N ASN A 315 1.71 -0.91 -7.88
CA ASN A 315 2.88 -1.75 -7.77
C ASN A 315 3.74 -1.61 -9.00
N LEU A 316 5.03 -1.48 -8.76
CA LEU A 316 6.00 -1.34 -9.81
C LEU A 316 6.50 -2.74 -10.09
N TYR A 317 7.05 -3.37 -9.06
CA TYR A 317 7.48 -4.73 -9.15
C TYR A 317 6.46 -5.58 -8.38
N SER A 318 6.72 -6.87 -8.25
CA SER A 318 5.85 -7.75 -7.49
C SER A 318 6.08 -7.51 -5.98
N CYS A 319 4.98 -7.29 -5.26
CA CYS A 319 5.05 -6.88 -3.84
C CYS A 319 4.35 -7.80 -2.87
N ILE A 320 5.06 -8.12 -1.79
CA ILE A 320 4.44 -8.66 -0.60
C ILE A 320 4.36 -7.58 0.47
N LYS A 321 3.13 -7.15 0.76
CA LYS A 321 2.89 -6.13 1.78
C LYS A 321 2.03 -6.73 2.89
N VAL A 322 2.33 -6.34 4.12
CA VAL A 322 1.55 -6.76 5.31
C VAL A 322 1.24 -5.52 6.14
N ALA A 323 -0.05 -5.25 6.38
CA ALA A 323 -0.50 -4.07 7.10
C ALA A 323 -1.14 -4.41 8.45
N GLU A 324 -0.87 -3.58 9.46
CA GLU A 324 -1.53 -3.69 10.75
C GLU A 324 -2.34 -2.42 11.03
N ASP A 325 -3.61 -2.63 11.35
CA ASP A 325 -4.50 -1.56 11.77
C ASP A 325 -4.33 -1.27 13.24
N PHE A 326 -4.55 -0.01 13.59
CA PHE A 326 -4.54 0.45 14.97
C PHE A 326 -5.36 1.72 15.05
N VAL A 327 -5.51 2.22 16.28
CA VAL A 327 -6.32 3.39 16.57
C VAL A 327 -5.54 4.28 17.53
N SER A 328 -5.03 5.38 17.02
CA SER A 328 -4.23 6.27 17.85
C SER A 328 -5.14 7.28 18.52
N PRO A 329 -4.73 7.79 19.69
CA PRO A 329 -5.49 8.84 20.35
C PRO A 329 -5.64 10.07 19.48
N GLU A 330 -4.60 10.37 18.69
CA GLU A 330 -4.57 11.58 17.90
C GLU A 330 -5.69 11.55 16.87
N HIS A 331 -6.09 10.35 16.44
CA HIS A 331 -7.06 10.21 15.38
C HIS A 331 -8.34 9.52 15.82
N VAL A 332 -8.51 9.26 17.12
CA VAL A 332 -9.63 8.45 17.56
C VAL A 332 -11.00 9.08 17.21
N LYS A 333 -11.07 10.41 17.14
CA LYS A 333 -12.28 11.10 16.68
C LYS A 333 -12.55 10.81 15.21
N HIS A 334 -11.53 10.92 14.35
CA HIS A 334 -11.67 10.53 12.93
C HIS A 334 -12.24 9.11 12.84
N CYS A 335 -11.62 8.18 13.57
CA CYS A 335 -11.96 6.75 13.47
C CYS A 335 -13.40 6.48 13.86
N PHE A 336 -13.86 7.20 14.87
CA PHE A 336 -15.23 7.15 15.30
C PHE A 336 -16.15 7.64 14.18
N ARG A 337 -15.84 8.81 13.63
CA ARG A 337 -16.68 9.45 12.62
C ARG A 337 -16.70 8.67 11.31
N LEU A 338 -15.57 8.06 10.97
CA LEU A 338 -15.46 7.21 9.78
C LEU A 338 -16.19 5.88 9.96
N THR A 339 -16.22 5.37 11.19
CA THR A 339 -16.91 4.10 11.45
C THR A 339 -18.42 4.25 11.25
N GLN A 340 -18.98 5.38 11.70
CA GLN A 340 -20.43 5.60 11.60
C GLN A 340 -20.87 5.83 10.15
N GLU A 341 -20.14 6.69 9.42
CA GLU A 341 -20.43 6.94 8.01
C GLU A 341 -20.26 5.68 7.15
N PHE A 342 -19.33 4.81 7.51
CA PHE A 342 -19.10 3.53 6.80
C PHE A 342 -19.85 2.39 7.46
MN MN B . -5.97 1.10 2.03
C1 OGA C . -3.40 -0.22 2.56
C2 OGA C . -3.55 -0.42 1.11
C4 OGA C . -3.02 -1.36 -1.02
C5 OGA C . -1.96 -2.15 -1.74
O1 OGA C . -2.36 -0.54 3.17
O2 OGA C . -4.36 0.30 3.16
O2' OGA C . -4.59 -0.03 0.61
O3 OGA C . -0.88 -2.33 -1.15
N1 OGA C . -2.67 -1.05 0.36
O4 OGA C . -2.20 -2.59 -2.89
C1 GOL D . 7.05 15.51 22.61
O1 GOL D . 8.43 15.12 22.56
C2 GOL D . 6.32 15.07 21.34
O2 GOL D . 6.81 15.75 20.16
C3 GOL D . 4.85 15.38 21.55
O3 GOL D . 4.17 15.23 20.28
C ACT E . 6.28 19.46 7.62
O ACT E . 5.13 19.48 7.16
OXT ACT E . 6.68 18.51 8.33
CH3 ACT E . 7.20 20.62 7.30
C ACT F . 4.78 -7.03 -15.54
O ACT F . 5.88 -7.36 -16.06
OXT ACT F . 4.52 -7.28 -14.33
CH3 ACT F . 3.75 -6.32 -16.38
CL CL G . 6.29 3.95 20.19
#